data_9Q3C
#
_entry.id   9Q3C
#
_cell.length_a   48.568
_cell.length_b   39.312
_cell.length_c   76.246
_cell.angle_alpha   90.000
_cell.angle_beta   94.677
_cell.angle_gamma   90.000
#
_symmetry.space_group_name_H-M   'P 1 21 1'
#
loop_
_entity.id
_entity.type
_entity.pdbx_description
1 polymer 'RNA oligonucleotide'
2 water water
#
_entity_poly.entity_id   1
_entity_poly.type   'polyribonucleotide'
_entity_poly.pdbx_seq_one_letter_code
;(CBV)GAAU(A1CNT)CG
;
_entity_poly.pdbx_strand_id   A,B,C,D,E,F,G,H,I,J,K,L,M,N
#